data_6G12
#
_entry.id   6G12
#
_cell.length_a   71.899
_cell.length_b   77.710
_cell.length_c   124.360
_cell.angle_alpha   90.00
_cell.angle_beta   90.00
_cell.angle_gamma   90.00
#
_symmetry.space_group_name_H-M   'P 21 21 21'
#
loop_
_entity.id
_entity.type
_entity.pdbx_description
1 polymer 'Ribosome biogenesis GTPase A'
2 non-polymer 'PHOSPHOAMINOPHOSPHONIC ACID-GUANYLATE ESTER'
3 water water
#
_entity_poly.entity_id   1
_entity_poly.type   'polypeptide(L)'
_entity_poly.pdbx_seq_one_letter_code
;MGHHHHHHVIQWYPGHMAKAKREVSEQLKKVDVVFELVDARIPYSSRNPMIDEVINQKPRVVILNKKDMSNLNEMSKWEQ
FFIDKGYYPVSVDAKHGKNLKKVEAAAIKATAEKFEREKAKGLKPRAIRAMIVGIPNVGKSTLINKLAKRSIAQTGNKPG
VTKQQQWIKVGNALQLLDTPGILWPKFEDEEVGKKLSLTGAIKDSIVHLDEVAIYGLNFLIQNDLARLKSHYNIEVPEDA
EIIAWFDAIGKKRGLIRRGNEIDYEAVIELIIYDIRNAKIGNYCFDIFKDMTEELANDANN
;
_entity_poly.pdbx_strand_id   A,B
#
# COMPACT_ATOMS: atom_id res chain seq x y z
N VAL A 9 4.97 -3.19 2.50
CA VAL A 9 3.70 -2.74 1.94
C VAL A 9 3.38 -3.48 0.64
N ILE A 10 2.19 -4.06 0.56
CA ILE A 10 1.84 -4.93 -0.57
C ILE A 10 0.59 -4.46 -1.28
N GLN A 11 0.66 -4.41 -2.60
CA GLN A 11 -0.48 -3.97 -3.37
C GLN A 11 -1.30 -5.13 -3.88
N TRP A 12 -2.50 -5.29 -3.36
CA TRP A 12 -3.33 -6.37 -3.87
C TRP A 12 -4.09 -5.83 -5.07
N TYR A 13 -4.32 -6.68 -6.05
CA TYR A 13 -5.20 -6.39 -7.17
C TYR A 13 -5.53 -7.76 -7.71
N PRO A 14 -6.69 -7.91 -8.35
CA PRO A 14 -7.30 -9.19 -8.70
C PRO A 14 -6.28 -10.23 -9.17
N GLY A 15 -5.36 -9.82 -10.03
CA GLY A 15 -4.35 -10.73 -10.54
C GLY A 15 -3.32 -11.16 -9.51
N HIS A 16 -2.82 -10.21 -8.74
CA HIS A 16 -1.81 -10.48 -7.71
C HIS A 16 -2.37 -11.43 -6.65
N MET A 17 -3.66 -11.30 -6.32
CA MET A 17 -4.27 -12.20 -5.36
C MET A 17 -4.24 -13.63 -5.91
N ALA A 18 -4.66 -13.77 -7.17
CA ALA A 18 -4.62 -15.06 -7.85
C ALA A 18 -3.20 -15.64 -7.84
N LYS A 19 -2.20 -14.79 -8.06
CA LYS A 19 -0.83 -15.24 -8.05
C LYS A 19 -0.44 -15.81 -6.70
N ALA A 20 -0.82 -15.11 -5.63
CA ALA A 20 -0.47 -15.54 -4.28
C ALA A 20 -1.21 -16.82 -3.88
N LYS A 21 -2.50 -16.92 -4.19
CA LYS A 21 -3.24 -18.13 -3.91
C LYS A 21 -2.56 -19.34 -4.57
N ARG A 22 -2.25 -19.19 -5.84
CA ARG A 22 -1.63 -20.24 -6.63
C ARG A 22 -0.29 -20.63 -6.03
N GLU A 23 0.59 -19.65 -5.87
CA GLU A 23 1.94 -19.90 -5.39
C GLU A 23 1.97 -20.51 -3.98
N VAL A 24 1.10 -20.04 -3.11
CA VAL A 24 1.09 -20.55 -1.74
C VAL A 24 0.65 -22.01 -1.70
N SER A 25 -0.41 -22.35 -2.43
CA SER A 25 -0.78 -23.76 -2.63
C SER A 25 0.35 -24.62 -3.18
N GLU A 26 1.10 -24.07 -4.14
CA GLU A 26 2.24 -24.80 -4.69
C GLU A 26 3.29 -25.11 -3.61
N GLN A 27 3.64 -24.11 -2.80
CA GLN A 27 4.57 -24.33 -1.71
C GLN A 27 4.00 -25.35 -0.72
N LEU A 28 2.69 -25.29 -0.48
CA LEU A 28 2.06 -26.17 0.50
C LEU A 28 2.18 -27.65 0.14
N LYS A 29 2.32 -27.93 -1.15
CA LYS A 29 2.53 -29.29 -1.61
C LYS A 29 3.84 -29.89 -1.06
N LYS A 30 4.81 -29.03 -0.78
CA LYS A 30 6.09 -29.48 -0.27
C LYS A 30 6.17 -29.77 1.23
N VAL A 31 5.10 -29.53 1.99
CA VAL A 31 5.20 -29.59 3.45
C VAL A 31 4.26 -30.59 4.09
N ASP A 32 4.59 -31.01 5.30
CA ASP A 32 3.74 -31.93 6.06
C ASP A 32 2.76 -31.16 6.92
N VAL A 33 3.19 -29.98 7.35
CA VAL A 33 2.42 -29.18 8.28
C VAL A 33 2.52 -27.69 7.94
N VAL A 34 1.44 -26.93 8.16
CA VAL A 34 1.47 -25.49 7.89
C VAL A 34 1.32 -24.70 9.20
N PHE A 35 2.18 -23.69 9.36
CA PHE A 35 2.05 -22.79 10.47
C PHE A 35 1.27 -21.54 9.98
N GLU A 36 -0.01 -21.47 10.33
CA GLU A 36 -0.79 -20.26 10.06
C GLU A 36 -0.46 -19.26 11.13
N LEU A 37 0.22 -18.18 10.75
CA LEU A 37 0.65 -17.20 11.73
C LEU A 37 -0.36 -16.05 11.80
N VAL A 38 -0.87 -15.81 13.00
CA VAL A 38 -1.85 -14.76 13.23
C VAL A 38 -1.34 -13.78 14.28
N ASP A 39 -1.99 -12.63 14.35
CA ASP A 39 -1.61 -11.62 15.32
C ASP A 39 -2.39 -11.95 16.56
N ALA A 40 -1.69 -12.13 17.68
CA ALA A 40 -2.35 -12.47 18.96
C ALA A 40 -3.33 -11.37 19.38
N ARG A 41 -3.10 -10.15 18.92
CA ARG A 41 -4.03 -9.06 19.24
C ARG A 41 -5.37 -9.20 18.50
N ILE A 42 -5.38 -9.96 17.42
CA ILE A 42 -6.62 -10.21 16.68
C ILE A 42 -6.51 -11.57 16.00
N PRO A 43 -6.62 -12.66 16.78
CA PRO A 43 -6.31 -13.99 16.23
C PRO A 43 -7.25 -14.40 15.11
N TYR A 44 -8.43 -13.83 15.11
CA TYR A 44 -9.42 -14.16 14.10
C TYR A 44 -9.42 -13.13 12.95
N SER A 45 -9.35 -11.86 13.28
CA SER A 45 -9.39 -10.81 12.26
C SER A 45 -8.14 -10.70 11.39
N SER A 46 -7.01 -11.26 11.85
CA SER A 46 -5.77 -11.15 11.08
C SER A 46 -5.55 -12.39 10.22
N ARG A 47 -6.61 -13.18 10.04
CA ARG A 47 -6.56 -14.35 9.17
C ARG A 47 -6.95 -14.04 7.73
N ASN A 48 -6.26 -14.65 6.76
CA ASN A 48 -6.71 -14.53 5.37
C ASN A 48 -8.09 -15.15 5.24
N PRO A 49 -9.01 -14.47 4.53
CA PRO A 49 -10.40 -14.96 4.41
C PRO A 49 -10.56 -16.28 3.63
N MET A 50 -9.56 -16.71 2.88
CA MET A 50 -9.71 -17.99 2.20
C MET A 50 -8.74 -19.02 2.74
N ILE A 51 -8.25 -18.79 3.96
CA ILE A 51 -7.14 -19.56 4.46
C ILE A 51 -7.44 -21.08 4.49
N ASP A 52 -8.64 -21.46 4.88
CA ASP A 52 -8.99 -22.88 4.97
C ASP A 52 -9.03 -23.55 3.60
N GLU A 53 -9.43 -22.80 2.59
CA GLU A 53 -9.48 -23.34 1.24
C GLU A 53 -8.06 -23.54 0.72
N VAL A 54 -7.19 -22.59 1.02
CA VAL A 54 -5.80 -22.68 0.63
C VAL A 54 -5.08 -23.80 1.39
N ILE A 55 -5.32 -23.89 2.69
CA ILE A 55 -4.65 -24.90 3.50
C ILE A 55 -5.23 -26.31 3.28
N ASN A 56 -6.54 -26.37 3.02
CA ASN A 56 -7.19 -27.60 2.58
C ASN A 56 -6.88 -28.82 3.45
N GLN A 57 -7.12 -28.68 4.75
CA GLN A 57 -7.05 -29.80 5.70
C GLN A 57 -5.63 -30.30 6.00
N LYS A 58 -4.63 -29.61 5.47
CA LYS A 58 -3.24 -29.85 5.88
C LYS A 58 -3.09 -29.75 7.40
N PRO A 59 -2.26 -30.63 8.01
CA PRO A 59 -2.09 -30.47 9.46
C PRO A 59 -1.66 -29.06 9.78
N ARG A 60 -2.22 -28.45 10.82
CA ARG A 60 -2.05 -27.00 11.00
C ARG A 60 -1.68 -26.62 12.43
N VAL A 61 -0.57 -25.90 12.54
CA VAL A 61 -0.26 -25.20 13.78
C VAL A 61 -0.68 -23.73 13.61
N VAL A 62 -1.57 -23.25 14.49
CA VAL A 62 -1.91 -21.85 14.49
C VAL A 62 -1.07 -21.15 15.55
N ILE A 63 -0.23 -20.23 15.10
CA ILE A 63 0.71 -19.50 15.93
C ILE A 63 0.21 -18.08 16.14
N LEU A 64 -0.19 -17.79 17.39
CA LEU A 64 -0.56 -16.45 17.82
C LEU A 64 0.72 -15.71 18.19
N ASN A 65 1.22 -14.93 17.25
CA ASN A 65 2.43 -14.16 17.47
C ASN A 65 2.13 -12.80 18.11
N LYS A 66 3.18 -12.12 18.57
CA LYS A 66 3.02 -10.88 19.34
C LYS A 66 2.21 -11.10 20.60
N LYS A 67 2.41 -12.25 21.27
CA LYS A 67 1.68 -12.49 22.50
C LYS A 67 1.99 -11.40 23.52
N ASP A 68 3.20 -10.86 23.45
CA ASP A 68 3.63 -9.81 24.35
C ASP A 68 2.78 -8.53 24.28
N MET A 69 2.07 -8.34 23.18
CA MET A 69 1.26 -7.13 23.01
C MET A 69 -0.25 -7.36 23.18
N SER A 70 -0.64 -8.55 23.59
CA SER A 70 -2.05 -8.94 23.69
C SER A 70 -2.50 -9.33 25.11
N ASN A 71 -3.74 -9.77 25.23
CA ASN A 71 -4.33 -10.23 26.45
C ASN A 71 -4.48 -11.77 26.42
N LEU A 72 -3.84 -12.42 27.40
CA LEU A 72 -3.80 -13.86 27.48
C LEU A 72 -5.11 -14.55 27.66
N ASN A 73 -5.94 -14.00 28.49
CA ASN A 73 -7.23 -14.55 28.75
C ASN A 73 -8.09 -14.58 27.47
N GLU A 74 -8.13 -13.49 26.74
CA GLU A 74 -8.87 -13.47 25.49
C GLU A 74 -8.25 -14.40 24.48
N MET A 75 -6.94 -14.44 24.43
CA MET A 75 -6.25 -15.30 23.51
C MET A 75 -6.62 -16.73 23.80
N SER A 76 -6.79 -17.08 25.06
CA SER A 76 -7.05 -18.47 25.39
C SER A 76 -8.40 -18.91 24.83
N LYS A 77 -9.35 -17.97 24.78
CA LYS A 77 -10.63 -18.28 24.14
C LYS A 77 -10.42 -18.56 22.65
N TRP A 78 -9.58 -17.78 22.00
CA TRP A 78 -9.25 -18.03 20.60
C TRP A 78 -8.51 -19.35 20.44
N GLU A 79 -7.63 -19.66 21.38
CA GLU A 79 -6.98 -20.98 21.37
C GLU A 79 -7.98 -22.12 21.46
N GLN A 80 -9.01 -21.95 22.29
CA GLN A 80 -10.03 -22.97 22.42
C GLN A 80 -10.73 -23.17 21.08
N PHE A 81 -11.09 -22.06 20.45
CA PHE A 81 -11.71 -22.07 19.12
C PHE A 81 -10.81 -22.82 18.12
N PHE A 82 -9.53 -22.48 18.08
CA PHE A 82 -8.63 -23.18 17.18
C PHE A 82 -8.56 -24.68 17.53
N ILE A 83 -8.56 -25.00 18.83
CA ILE A 83 -8.54 -26.39 19.24
C ILE A 83 -9.81 -27.08 18.74
N ASP A 84 -10.95 -26.41 18.89
CA ASP A 84 -12.23 -26.98 18.47
C ASP A 84 -12.31 -27.21 16.95
N LYS A 85 -11.51 -26.50 16.17
CA LYS A 85 -11.46 -26.71 14.72
C LYS A 85 -10.46 -27.79 14.33
N GLY A 86 -9.68 -28.30 15.28
CA GLY A 86 -8.73 -29.36 15.00
C GLY A 86 -7.31 -28.90 14.71
N TYR A 87 -6.98 -27.66 15.08
CA TYR A 87 -5.63 -27.14 14.87
C TYR A 87 -4.86 -27.17 16.19
N TYR A 88 -3.56 -26.93 16.12
CA TYR A 88 -2.74 -26.91 17.33
C TYR A 88 -2.24 -25.50 17.54
N PRO A 89 -2.93 -24.72 18.40
CA PRO A 89 -2.55 -23.32 18.61
C PRO A 89 -1.47 -23.17 19.68
N VAL A 90 -0.50 -22.32 19.41
CA VAL A 90 0.49 -21.94 20.41
C VAL A 90 0.70 -20.45 20.31
N SER A 91 1.18 -19.82 21.37
CA SER A 91 1.43 -18.40 21.31
C SER A 91 2.91 -18.14 21.50
N VAL A 92 3.43 -17.18 20.76
CA VAL A 92 4.84 -16.84 20.87
C VAL A 92 5.08 -15.34 20.78
N ASP A 93 6.27 -14.92 21.20
CA ASP A 93 6.78 -13.57 20.92
C ASP A 93 8.02 -13.74 20.05
N ALA A 94 7.83 -13.64 18.74
CA ALA A 94 8.87 -13.94 17.78
C ALA A 94 10.01 -12.94 17.90
N LYS A 95 9.68 -11.73 18.34
CA LYS A 95 10.64 -10.64 18.37
C LYS A 95 11.62 -10.79 19.52
N HIS A 96 11.09 -11.07 20.70
CA HIS A 96 11.91 -11.18 21.89
C HIS A 96 12.23 -12.63 22.20
N GLY A 97 11.89 -13.51 21.27
CA GLY A 97 12.24 -14.92 21.34
C GLY A 97 11.70 -15.67 22.53
N LYS A 98 10.39 -15.54 22.78
CA LYS A 98 9.72 -16.24 23.87
C LYS A 98 8.81 -17.39 23.43
N ASN A 99 8.97 -18.56 24.06
CA ASN A 99 8.12 -19.73 23.80
C ASN A 99 8.34 -20.42 22.44
N LEU A 100 9.47 -20.15 21.78
CA LEU A 100 9.73 -20.68 20.42
C LEU A 100 9.84 -22.21 20.33
N LYS A 101 10.28 -22.86 21.40
CA LYS A 101 10.32 -24.32 21.42
C LYS A 101 8.96 -24.95 21.13
N LYS A 102 7.90 -24.24 21.50
CA LYS A 102 6.53 -24.70 21.29
C LYS A 102 6.20 -24.95 19.80
N VAL A 103 6.88 -24.25 18.89
CA VAL A 103 6.59 -24.42 17.48
C VAL A 103 6.88 -25.85 17.03
N GLU A 104 8.11 -26.31 17.23
CA GLU A 104 8.46 -27.68 16.86
C GLU A 104 7.53 -28.70 17.53
N ALA A 105 7.29 -28.50 18.81
CA ALA A 105 6.48 -29.41 19.59
C ALA A 105 5.09 -29.58 18.98
N ALA A 106 4.46 -28.46 18.62
CA ALA A 106 3.15 -28.49 18.00
C ALA A 106 3.22 -29.14 16.62
N ALA A 107 4.27 -28.84 15.88
CA ALA A 107 4.46 -29.45 14.56
C ALA A 107 4.47 -30.97 14.71
N ILE A 108 5.18 -31.46 15.72
CA ILE A 108 5.27 -32.91 15.99
C ILE A 108 3.89 -33.49 16.31
N LYS A 109 3.14 -32.82 17.17
CA LYS A 109 1.81 -33.30 17.53
C LYS A 109 0.87 -33.25 16.34
N ALA A 110 0.99 -32.19 15.53
CA ALA A 110 0.09 -31.97 14.39
C ALA A 110 0.22 -33.05 13.34
N THR A 111 1.43 -33.60 13.23
CA THR A 111 1.73 -34.62 12.23
C THR A 111 1.95 -36.03 12.82
N ALA A 112 1.57 -36.20 14.09
CA ALA A 112 1.85 -37.45 14.79
C ALA A 112 1.14 -38.62 14.12
N GLU A 113 -0.12 -38.40 13.76
CA GLU A 113 -0.92 -39.42 13.08
C GLU A 113 -0.33 -39.81 11.72
N LYS A 114 0.09 -38.82 10.95
CA LYS A 114 0.63 -39.07 9.63
C LYS A 114 1.88 -39.95 9.71
N PHE A 115 2.78 -39.64 10.63
CA PHE A 115 4.05 -40.35 10.69
C PHE A 115 3.95 -41.72 11.38
N GLU A 116 2.99 -41.89 12.28
CA GLU A 116 2.63 -43.21 12.81
C GLU A 116 2.20 -44.15 11.69
N ARG A 117 1.32 -43.66 10.82
CA ARG A 117 0.86 -44.47 9.70
C ARG A 117 2.00 -44.75 8.73
N GLU A 118 2.93 -43.81 8.61
CA GLU A 118 4.12 -44.03 7.80
C GLU A 118 5.03 -45.07 8.45
N LYS A 119 5.22 -44.96 9.76
CA LYS A 119 6.02 -45.93 10.51
C LYS A 119 5.46 -47.35 10.42
N ALA A 120 4.13 -47.46 10.56
CA ALA A 120 3.41 -48.72 10.46
C ALA A 120 3.46 -49.30 9.03
N LYS A 121 3.53 -48.41 8.04
CA LYS A 121 3.68 -48.84 6.66
C LYS A 121 5.16 -49.08 6.35
N GLY A 122 5.99 -48.94 7.39
CA GLY A 122 7.40 -49.26 7.30
C GLY A 122 8.32 -48.18 6.73
N LEU A 123 7.87 -46.94 6.65
CA LEU A 123 8.76 -45.89 6.17
C LEU A 123 9.68 -45.45 7.30
N LYS A 124 10.86 -44.98 6.92
CA LYS A 124 11.85 -44.52 7.89
C LYS A 124 11.49 -43.12 8.38
N PRO A 125 11.92 -42.81 9.62
CA PRO A 125 11.67 -41.48 10.21
C PRO A 125 12.37 -40.39 9.42
N ARG A 126 11.78 -39.20 9.39
CA ARG A 126 12.40 -38.11 8.66
C ARG A 126 12.01 -36.76 9.27
N ALA A 127 12.76 -35.72 8.93
CA ALA A 127 12.42 -34.37 9.36
C ALA A 127 11.00 -34.02 8.95
N ILE A 128 10.28 -33.34 9.84
CA ILE A 128 9.00 -32.73 9.47
C ILE A 128 9.26 -31.51 8.58
N ARG A 129 8.54 -31.42 7.47
CA ARG A 129 8.66 -30.23 6.65
C ARG A 129 7.49 -29.25 6.87
N ALA A 130 7.82 -28.01 7.15
CA ALA A 130 6.82 -26.99 7.44
C ALA A 130 6.99 -25.70 6.60
N MET A 131 5.90 -24.96 6.41
CA MET A 131 6.01 -23.57 5.97
C MET A 131 5.11 -22.66 6.79
N ILE A 132 5.46 -21.37 6.78
CA ILE A 132 4.66 -20.33 7.43
C ILE A 132 3.80 -19.59 6.42
N VAL A 133 2.54 -19.36 6.78
CA VAL A 133 1.61 -18.62 5.92
C VAL A 133 0.81 -17.64 6.74
N GLY A 134 0.54 -16.46 6.20
CA GLY A 134 -0.32 -15.50 6.88
C GLY A 134 -0.38 -14.18 6.14
N ILE A 135 -1.22 -13.25 6.61
CA ILE A 135 -1.29 -11.93 6.03
C ILE A 135 -0.02 -11.16 6.37
N PRO A 136 0.21 -10.03 5.70
CA PRO A 136 1.44 -9.26 5.93
C PRO A 136 1.51 -8.59 7.31
N ASN A 137 2.73 -8.47 7.83
CA ASN A 137 3.04 -7.78 9.08
C ASN A 137 2.70 -8.52 10.37
N VAL A 138 2.25 -9.77 10.26
CA VAL A 138 2.00 -10.57 11.46
C VAL A 138 3.29 -11.09 12.12
N GLY A 139 4.41 -11.01 11.40
CA GLY A 139 5.70 -11.37 11.96
C GLY A 139 6.33 -12.61 11.33
N LYS A 140 6.02 -12.88 10.07
CA LYS A 140 6.46 -14.10 9.43
C LYS A 140 7.99 -14.13 9.26
N SER A 141 8.54 -13.06 8.73
CA SER A 141 9.97 -13.03 8.47
C SER A 141 10.74 -12.89 9.76
N THR A 142 10.14 -12.23 10.74
CA THR A 142 10.68 -12.16 12.09
C THR A 142 10.79 -13.56 12.72
N LEU A 143 9.72 -14.35 12.59
CA LEU A 143 9.67 -15.68 13.18
C LEU A 143 10.66 -16.61 12.48
N ILE A 144 10.74 -16.51 11.16
CA ILE A 144 11.70 -17.32 10.39
C ILE A 144 13.14 -17.03 10.85
N ASN A 145 13.48 -15.75 10.95
CA ASN A 145 14.83 -15.37 11.35
C ASN A 145 15.15 -15.80 12.77
N LYS A 146 14.20 -15.68 13.66
CA LYS A 146 14.43 -16.12 15.02
C LYS A 146 14.62 -17.64 15.08
N LEU A 147 13.82 -18.39 14.32
CA LEU A 147 13.96 -19.84 14.29
C LEU A 147 15.24 -20.32 13.59
N ALA A 148 15.72 -19.54 12.63
CA ALA A 148 16.97 -19.84 11.93
C ALA A 148 18.18 -19.40 12.73
N LYS A 149 17.96 -18.52 13.70
CA LYS A 149 19.03 -17.89 14.45
C LYS A 149 19.98 -17.10 13.55
N ARG A 150 19.43 -16.48 12.52
CA ARG A 150 20.21 -15.66 11.60
C ARG A 150 19.28 -14.93 10.65
N SER A 151 19.76 -13.83 10.07
CA SER A 151 18.94 -13.03 9.15
C SER A 151 18.83 -13.66 7.76
N ILE A 152 17.59 -13.91 7.32
CA ILE A 152 17.33 -14.48 6.01
C ILE A 152 16.94 -13.40 5.00
N GLY A 156 19.07 -13.11 -3.31
CA GLY A 156 20.32 -12.82 -3.99
C GLY A 156 20.94 -11.55 -3.46
N ASN A 157 22.25 -11.57 -3.25
CA ASN A 157 22.90 -10.38 -2.71
C ASN A 157 23.21 -9.40 -3.83
N LYS A 158 23.55 -9.93 -5.00
CA LYS A 158 23.79 -9.11 -6.18
C LYS A 158 22.48 -8.65 -6.83
N PRO A 159 22.41 -7.36 -7.21
CA PRO A 159 21.25 -6.90 -7.98
C PRO A 159 20.99 -7.76 -9.21
N GLY A 160 19.73 -8.13 -9.43
CA GLY A 160 19.33 -8.95 -10.55
C GLY A 160 19.38 -10.45 -10.26
N VAL A 161 19.98 -10.81 -9.11
CA VAL A 161 20.14 -12.21 -8.73
C VAL A 161 19.03 -12.75 -7.85
N THR A 162 18.32 -13.76 -8.34
CA THR A 162 17.17 -14.33 -7.61
C THR A 162 17.54 -15.40 -6.58
N LYS A 163 17.19 -15.11 -5.33
CA LYS A 163 17.25 -16.06 -4.21
C LYS A 163 16.37 -17.29 -4.42
N GLN A 164 16.94 -18.48 -4.23
CA GLN A 164 16.12 -19.69 -4.27
C GLN A 164 15.58 -20.04 -2.87
N GLN A 165 14.34 -20.53 -2.81
CA GLN A 165 13.76 -20.95 -1.54
C GLN A 165 14.52 -22.14 -1.00
N GLN A 166 14.88 -22.07 0.27
CA GLN A 166 15.69 -23.12 0.90
C GLN A 166 15.06 -23.61 2.20
N TRP A 167 15.48 -24.79 2.64
CA TRP A 167 15.03 -25.36 3.89
C TRP A 167 15.95 -24.97 5.03
N ILE A 168 15.34 -24.58 6.15
CA ILE A 168 16.04 -24.23 7.38
C ILE A 168 15.89 -25.35 8.39
N LYS A 169 17.02 -25.81 8.93
CA LYS A 169 16.99 -26.77 10.03
C LYS A 169 16.60 -26.07 11.31
N VAL A 170 15.48 -26.50 11.89
CA VAL A 170 15.00 -25.94 13.15
C VAL A 170 14.78 -27.06 14.15
N GLY A 171 15.43 -26.97 15.30
CA GLY A 171 15.35 -28.02 16.30
C GLY A 171 15.89 -29.34 15.78
N ASN A 172 15.40 -30.45 16.30
CA ASN A 172 15.86 -31.75 15.81
C ASN A 172 15.02 -32.37 14.71
N ALA A 173 13.71 -32.14 14.76
CA ALA A 173 12.79 -32.85 13.88
C ALA A 173 12.16 -32.01 12.77
N LEU A 174 12.58 -30.75 12.63
CA LEU A 174 11.84 -29.81 11.80
C LEU A 174 12.63 -29.11 10.69
N GLN A 175 12.06 -29.14 9.48
CA GLN A 175 12.64 -28.42 8.35
C GLN A 175 11.70 -27.30 7.93
N LEU A 176 12.17 -26.07 8.00
CA LEU A 176 11.29 -24.95 7.70
C LEU A 176 11.68 -24.22 6.42
N LEU A 177 10.75 -24.15 5.49
CA LEU A 177 10.92 -23.35 4.28
C LEU A 177 11.26 -21.93 4.69
N ASP A 178 12.30 -21.34 4.09
CA ASP A 178 12.78 -20.03 4.55
C ASP A 178 12.00 -18.89 3.95
N THR A 179 10.96 -19.23 3.19
CA THR A 179 10.12 -18.23 2.53
C THR A 179 8.63 -18.43 2.84
N PRO A 180 7.98 -17.41 3.41
CA PRO A 180 6.57 -17.54 3.80
C PRO A 180 5.61 -17.44 2.64
N GLY A 181 4.42 -18.00 2.80
CA GLY A 181 3.35 -17.78 1.85
C GLY A 181 2.62 -16.52 2.28
N ILE A 182 2.54 -15.53 1.41
CA ILE A 182 1.94 -14.27 1.81
C ILE A 182 0.55 -14.17 1.22
N LEU A 183 -0.44 -14.00 2.08
CA LEU A 183 -1.83 -13.92 1.63
C LEU A 183 -2.45 -12.60 2.05
N TRP A 184 -3.61 -12.29 1.49
CA TRP A 184 -4.20 -10.96 1.69
C TRP A 184 -5.09 -10.95 2.95
N PRO A 185 -5.19 -9.78 3.61
CA PRO A 185 -6.08 -9.67 4.78
C PRO A 185 -7.54 -9.61 4.37
N LYS A 186 -8.42 -9.65 5.37
CA LYS A 186 -9.85 -9.52 5.15
C LYS A 186 -10.13 -8.08 4.66
N PHE A 187 -10.96 -7.94 3.63
CA PHE A 187 -11.15 -6.63 3.01
C PHE A 187 -12.55 -6.11 3.16
N GLU A 188 -13.48 -7.05 3.28
CA GLU A 188 -14.88 -6.85 3.02
C GLU A 188 -15.66 -6.27 4.19
N ASP A 189 -15.04 -6.20 5.38
CA ASP A 189 -15.78 -5.82 6.58
C ASP A 189 -15.16 -4.57 7.22
N GLU A 190 -15.98 -3.55 7.47
CA GLU A 190 -15.47 -2.27 7.93
C GLU A 190 -14.87 -2.35 9.35
N GLU A 191 -15.55 -3.04 10.26
CA GLU A 191 -15.01 -3.25 11.61
C GLU A 191 -13.69 -4.00 11.56
N VAL A 192 -13.64 -5.07 10.78
CA VAL A 192 -12.38 -5.79 10.65
C VAL A 192 -11.31 -4.86 10.09
N GLY A 193 -11.70 -3.98 9.16
CA GLY A 193 -10.76 -3.00 8.67
C GLY A 193 -10.16 -2.15 9.77
N LYS A 194 -11.01 -1.71 10.70
CA LYS A 194 -10.52 -0.87 11.80
C LYS A 194 -9.60 -1.65 12.71
N LYS A 195 -9.95 -2.91 12.96
CA LYS A 195 -9.11 -3.79 13.76
C LYS A 195 -7.74 -3.92 13.11
N LEU A 196 -7.70 -4.18 11.82
CA LEU A 196 -6.40 -4.31 11.15
C LEU A 196 -5.62 -3.02 11.18
N SER A 197 -6.31 -1.89 11.01
CA SER A 197 -5.65 -0.59 11.06
C SER A 197 -5.13 -0.30 12.47
N LEU A 198 -5.92 -0.59 13.49
CA LEU A 198 -5.44 -0.44 14.88
C LEU A 198 -4.19 -1.27 15.20
N THR A 199 -3.99 -2.38 14.50
CA THR A 199 -2.83 -3.22 14.77
C THR A 199 -1.68 -2.98 13.79
N GLY A 200 -1.91 -2.08 12.83
CA GLY A 200 -0.88 -1.74 11.86
C GLY A 200 -0.74 -2.76 10.75
N ALA A 201 -1.69 -3.68 10.65
CA ALA A 201 -1.63 -4.72 9.64
C ALA A 201 -1.82 -4.09 8.29
N ILE A 202 -2.69 -3.07 8.26
CA ILE A 202 -2.87 -2.23 7.10
C ILE A 202 -2.68 -0.77 7.50
N LYS A 203 -1.60 -0.15 7.03
CA LYS A 203 -1.43 1.29 7.20
C LYS A 203 -1.76 1.83 5.82
N ASP A 204 -2.99 1.53 5.42
CA ASP A 204 -3.48 1.72 4.07
C ASP A 204 -4.85 2.39 4.08
N SER A 205 -5.08 3.25 3.10
CA SER A 205 -6.16 4.22 3.15
C SER A 205 -7.58 3.65 3.01
N ILE A 206 -8.50 4.52 2.62
CA ILE A 206 -9.94 4.31 2.41
C ILE A 206 -10.67 3.79 3.67
N VAL A 207 -9.92 3.47 4.71
CA VAL A 207 -10.53 3.27 6.02
C VAL A 207 -10.08 4.49 6.81
N HIS A 208 -11.03 5.37 7.11
CA HIS A 208 -10.76 6.71 7.65
C HIS A 208 -10.07 6.67 9.03
N LEU A 209 -8.91 7.28 9.14
CA LEU A 209 -8.15 7.23 10.36
C LEU A 209 -8.92 7.76 11.57
N ASP A 210 -9.75 8.77 11.34
CA ASP A 210 -10.50 9.36 12.45
C ASP A 210 -11.45 8.31 13.01
N GLU A 211 -12.10 7.55 12.13
CA GLU A 211 -13.00 6.48 12.56
C GLU A 211 -12.24 5.32 13.23
N VAL A 212 -10.99 5.10 12.82
CA VAL A 212 -10.16 4.08 13.44
C VAL A 212 -9.86 4.47 14.87
N ALA A 213 -9.50 5.74 15.09
CA ALA A 213 -9.19 6.24 16.42
C ALA A 213 -10.44 6.26 17.32
N ILE A 214 -11.60 6.59 16.76
CA ILE A 214 -12.85 6.54 17.49
C ILE A 214 -13.13 5.08 17.94
N TYR A 215 -12.87 4.12 17.06
CA TYR A 215 -13.08 2.71 17.37
C TYR A 215 -12.16 2.23 18.49
N GLY A 216 -10.91 2.68 18.45
CA GLY A 216 -9.96 2.36 19.50
C GLY A 216 -10.34 2.95 20.83
N LEU A 217 -10.63 4.26 20.85
CA LEU A 217 -11.08 4.93 22.07
C LEU A 217 -12.29 4.24 22.68
N ASN A 218 -13.28 3.95 21.84
CA ASN A 218 -14.47 3.28 22.31
C ASN A 218 -14.14 1.89 22.83
N PHE A 219 -13.24 1.18 22.16
CA PHE A 219 -12.78 -0.10 22.68
C PHE A 219 -12.18 0.09 24.05
N LEU A 220 -11.31 1.08 24.20
CA LEU A 220 -10.65 1.26 25.47
C LEU A 220 -11.63 1.74 26.54
N ILE A 221 -12.51 2.66 26.18
CA ILE A 221 -13.54 3.13 27.10
C ILE A 221 -14.38 1.95 27.60
N GLN A 222 -14.71 1.01 26.72
CA GLN A 222 -15.49 -0.16 27.15
C GLN A 222 -14.68 -1.21 27.94
N ASN A 223 -13.40 -1.38 27.65
CA ASN A 223 -12.67 -2.50 28.23
C ASN A 223 -11.60 -2.15 29.28
N ASP A 224 -11.16 -0.91 29.32
CA ASP A 224 -10.04 -0.56 30.18
C ASP A 224 -10.01 0.93 30.47
N LEU A 225 -11.15 1.47 30.87
CA LEU A 225 -11.33 2.92 31.10
C LEU A 225 -10.31 3.49 32.08
N ALA A 226 -10.06 2.78 33.17
CA ALA A 226 -9.13 3.26 34.18
C ALA A 226 -7.74 3.44 33.57
N ARG A 227 -7.32 2.48 32.74
CA ARG A 227 -6.04 2.55 32.08
C ARG A 227 -5.94 3.66 31.05
N LEU A 228 -6.98 3.81 30.24
CA LEU A 228 -7.01 4.90 29.24
C LEU A 228 -6.80 6.27 29.90
N LYS A 229 -7.52 6.52 30.98
CA LYS A 229 -7.43 7.77 31.75
C LYS A 229 -6.07 8.00 32.40
N SER A 230 -5.58 7.01 33.15
CA SER A 230 -4.28 7.11 33.80
C SER A 230 -3.16 7.28 32.77
N HIS A 231 -3.30 6.65 31.60
CA HIS A 231 -2.25 6.79 30.60
C HIS A 231 -2.13 8.23 30.12
N TYR A 232 -3.25 8.85 29.77
CA TYR A 232 -3.22 10.23 29.25
C TYR A 232 -3.40 11.25 30.39
N ASN A 233 -3.68 10.75 31.60
CA ASN A 233 -3.88 11.64 32.73
C ASN A 233 -5.00 12.61 32.45
N ILE A 234 -6.15 12.06 32.07
CA ILE A 234 -7.31 12.86 31.75
C ILE A 234 -8.49 12.29 32.49
N GLU A 235 -9.52 13.12 32.64
CA GLU A 235 -10.79 12.69 33.23
C GLU A 235 -11.91 13.28 32.36
N VAL A 236 -12.90 12.46 32.02
CA VAL A 236 -13.91 12.87 31.04
C VAL A 236 -15.30 12.50 31.50
N PRO A 237 -16.27 13.43 31.31
CA PRO A 237 -17.65 13.16 31.73
C PRO A 237 -18.19 11.91 31.04
N GLU A 238 -18.87 11.06 31.78
CA GLU A 238 -19.28 9.79 31.24
C GLU A 238 -20.37 9.94 30.20
N ASP A 239 -21.13 11.04 30.24
CA ASP A 239 -22.18 11.32 29.25
C ASP A 239 -21.71 12.21 28.09
N ALA A 240 -20.42 12.52 28.05
CA ALA A 240 -19.87 13.25 26.92
C ALA A 240 -19.81 12.35 25.67
N GLU A 241 -19.84 12.96 24.50
CA GLU A 241 -19.70 12.25 23.25
C GLU A 241 -18.22 12.08 22.97
N ILE A 242 -17.88 11.24 21.99
CA ILE A 242 -16.49 10.79 21.82
C ILE A 242 -15.54 11.95 21.55
N ILE A 243 -16.05 12.98 20.89
CA ILE A 243 -15.24 14.14 20.58
C ILE A 243 -14.59 14.72 21.82
N ALA A 244 -15.29 14.63 22.94
CA ALA A 244 -14.80 15.16 24.21
C ALA A 244 -13.48 14.54 24.58
N TRP A 245 -13.31 13.28 24.21
CA TRP A 245 -12.09 12.56 24.54
C TRP A 245 -10.92 13.08 23.70
N PHE A 246 -11.14 13.26 22.40
CA PHE A 246 -10.13 13.90 21.56
C PHE A 246 -9.73 15.26 22.13
N ASP A 247 -10.73 16.03 22.54
CA ASP A 247 -10.47 17.36 23.09
C ASP A 247 -9.67 17.26 24.38
N ALA A 248 -10.00 16.32 25.26
CA ALA A 248 -9.28 16.21 26.52
C ALA A 248 -7.82 15.87 26.30
N ILE A 249 -7.57 14.85 25.48
CA ILE A 249 -6.21 14.44 25.14
C ILE A 249 -5.46 15.58 24.44
N GLY A 250 -6.04 16.10 23.36
CA GLY A 250 -5.46 17.24 22.68
C GLY A 250 -5.07 18.38 23.63
N LYS A 251 -5.96 18.71 24.55
CA LYS A 251 -5.68 19.75 25.55
C LYS A 251 -4.56 19.35 26.50
N LYS A 252 -4.60 18.13 27.04
CA LYS A 252 -3.58 17.67 27.99
C LYS A 252 -2.19 17.53 27.37
N ARG A 253 -2.11 17.22 26.08
CA ARG A 253 -0.82 17.09 25.39
C ARG A 253 -0.38 18.39 24.70
N GLY A 254 -1.23 19.41 24.73
CA GLY A 254 -0.95 20.68 24.09
C GLY A 254 -0.97 20.67 22.57
N LEU A 255 -1.61 19.66 22.00
CA LEU A 255 -1.68 19.55 20.55
C LEU A 255 -2.75 20.49 20.02
N ILE A 256 -2.40 21.76 19.85
CA ILE A 256 -3.36 22.78 19.45
C ILE A 256 -2.90 23.53 18.21
N ARG A 257 -3.82 24.26 17.61
CA ARG A 257 -3.57 25.00 16.38
C ARG A 257 -4.53 26.17 16.31
N ARG A 258 -4.16 27.21 15.56
CA ARG A 258 -4.96 28.42 15.46
C ARG A 258 -5.47 28.91 16.82
N GLY A 259 -4.56 29.30 17.69
CA GLY A 259 -4.94 29.85 18.97
C GLY A 259 -5.11 28.78 20.03
N ASN A 260 -6.34 28.27 20.18
CA ASN A 260 -6.63 27.18 21.11
C ASN A 260 -7.65 26.18 20.55
N GLU A 261 -7.63 25.99 19.25
CA GLU A 261 -8.40 24.92 18.63
C GLU A 261 -7.63 23.61 18.75
N ILE A 262 -8.34 22.48 18.69
CA ILE A 262 -7.66 21.19 18.84
C ILE A 262 -7.13 20.73 17.48
N ASP A 263 -5.87 20.33 17.47
CA ASP A 263 -5.27 19.73 16.29
C ASP A 263 -5.71 18.26 16.22
N TYR A 264 -6.86 18.02 15.62
CA TYR A 264 -7.44 16.68 15.64
C TYR A 264 -6.60 15.65 14.85
N GLU A 265 -6.13 16.04 13.67
CA GLU A 265 -5.22 15.19 12.90
C GLU A 265 -4.06 14.71 13.77
N ALA A 266 -3.54 15.57 14.63
CA ALA A 266 -2.41 15.21 15.49
C ALA A 266 -2.80 14.27 16.63
N VAL A 267 -3.96 14.51 17.25
CA VAL A 267 -4.45 13.66 18.33
C VAL A 267 -4.78 12.30 17.76
N ILE A 268 -5.44 12.29 16.59
CA ILE A 268 -5.72 11.04 15.90
C ILE A 268 -4.44 10.22 15.70
N GLU A 269 -3.38 10.86 15.24
CA GLU A 269 -2.14 10.13 15.00
C GLU A 269 -1.53 9.57 16.28
N LEU A 270 -1.60 10.33 17.36
CA LEU A 270 -1.10 9.87 18.65
C LEU A 270 -1.88 8.69 19.21
N ILE A 271 -3.19 8.68 18.99
CA ILE A 271 -4.02 7.60 19.52
C ILE A 271 -3.73 6.32 18.75
N ILE A 272 -3.71 6.43 17.43
CA ILE A 272 -3.42 5.31 16.57
C ILE A 272 -2.03 4.71 16.90
N TYR A 273 -1.03 5.57 17.02
CA TYR A 273 0.32 5.13 17.41
C TYR A 273 0.35 4.41 18.76
N ASP A 274 -0.31 4.97 19.78
CA ASP A 274 -0.26 4.39 21.12
C ASP A 274 -0.98 3.07 21.17
N ILE A 275 -2.00 2.92 20.34
CA ILE A 275 -2.70 1.66 20.34
C ILE A 275 -1.90 0.62 19.52
N ARG A 276 -1.45 0.98 18.32
CA ARG A 276 -0.63 0.09 17.47
C ARG A 276 0.59 -0.47 18.17
N ASN A 277 1.19 0.37 19.00
CA ASN A 277 2.46 0.05 19.63
C ASN A 277 2.30 -0.23 21.11
N ALA A 278 1.07 -0.55 21.52
CA ALA A 278 0.81 -1.06 22.86
C ALA A 278 1.30 -0.14 23.98
N LYS A 279 1.29 1.17 23.73
CA LYS A 279 1.72 2.12 24.76
C LYS A 279 0.74 2.23 25.91
N ILE A 280 -0.53 1.93 25.66
CA ILE A 280 -1.53 2.10 26.70
C ILE A 280 -1.71 0.80 27.45
N GLY A 281 -1.76 -0.31 26.72
CA GLY A 281 -1.84 -1.63 27.35
C GLY A 281 -1.73 -2.73 26.31
N ASN A 282 -1.92 -3.97 26.76
CA ASN A 282 -1.84 -5.11 25.88
C ASN A 282 -3.23 -5.71 25.64
N TYR A 283 -3.79 -5.49 24.46
CA TYR A 283 -5.19 -5.82 24.25
C TYR A 283 -5.38 -6.85 23.17
N CYS A 284 -6.42 -7.64 23.32
CA CYS A 284 -6.89 -8.45 22.21
C CYS A 284 -8.19 -7.84 21.74
N PHE A 285 -8.23 -7.34 20.51
CA PHE A 285 -9.41 -6.60 20.03
C PHE A 285 -10.49 -7.51 19.48
N ASP A 286 -10.15 -8.78 19.25
CA ASP A 286 -11.14 -9.76 18.83
C ASP A 286 -11.74 -10.28 20.13
N ILE A 287 -12.90 -9.75 20.49
CA ILE A 287 -13.60 -10.16 21.70
C ILE A 287 -14.46 -11.34 21.33
N PHE A 288 -14.05 -12.54 21.74
CA PHE A 288 -14.69 -13.76 21.29
C PHE A 288 -16.22 -13.73 21.50
N LYS A 289 -16.66 -13.35 22.70
CA LYS A 289 -18.09 -13.39 23.03
C LYS A 289 -18.90 -12.36 22.23
N ASP A 290 -18.25 -11.32 21.71
CA ASP A 290 -18.90 -10.37 20.80
C ASP A 290 -18.91 -10.80 19.34
N MET A 291 -18.26 -11.90 18.99
CA MET A 291 -18.12 -12.23 17.58
C MET A 291 -18.90 -13.48 17.19
N THR A 292 -19.90 -13.85 17.99
CA THR A 292 -20.71 -15.04 17.74
C THR A 292 -21.36 -15.04 16.34
N GLU A 293 -21.98 -13.93 15.95
CA GLU A 293 -22.59 -13.90 14.63
C GLU A 293 -21.59 -13.99 13.49
N GLU A 294 -20.50 -13.23 13.59
CA GLU A 294 -19.44 -13.32 12.58
C GLU A 294 -18.93 -14.76 12.45
N LEU A 295 -18.76 -15.43 13.57
CA LEU A 295 -18.26 -16.79 13.58
C LEU A 295 -19.21 -17.74 12.87
N ALA A 296 -20.49 -17.59 13.16
CA ALA A 296 -21.54 -18.42 12.57
C ALA A 296 -21.60 -18.24 11.05
N ASN A 297 -21.44 -17.01 10.59
CA ASN A 297 -21.42 -16.73 9.15
C ASN A 297 -20.33 -17.50 8.47
N ASP A 298 -19.13 -17.47 9.04
CA ASP A 298 -17.99 -18.15 8.47
C ASP A 298 -18.07 -19.66 8.65
N ALA A 299 -18.80 -20.09 9.69
CA ALA A 299 -18.70 -21.46 10.22
C ALA A 299 -19.03 -22.61 9.28
N ASN A 300 -20.15 -22.52 8.56
CA ASN A 300 -20.59 -23.67 7.76
C ASN A 300 -19.70 -24.02 6.57
N ASN A 301 -19.45 -23.02 5.71
CA ASN A 301 -18.80 -23.15 4.40
C ASN A 301 -18.05 -24.46 4.12
N VAL B 9 -0.91 6.65 0.94
CA VAL B 9 -0.82 5.24 0.56
C VAL B 9 -2.20 4.62 0.39
N ILE B 10 -2.44 3.99 -0.75
CA ILE B 10 -3.75 3.41 -1.04
C ILE B 10 -3.67 1.93 -1.34
N GLN B 11 -4.58 1.20 -0.72
CA GLN B 11 -4.69 -0.23 -0.90
C GLN B 11 -5.74 -0.59 -1.94
N TRP B 12 -5.31 -1.15 -3.05
CA TRP B 12 -6.28 -1.61 -4.03
C TRP B 12 -6.68 -3.04 -3.70
N TYR B 13 -7.94 -3.36 -3.96
CA TYR B 13 -8.43 -4.72 -3.90
C TYR B 13 -9.72 -4.69 -4.70
N PRO B 14 -10.12 -5.83 -5.28
CA PRO B 14 -11.24 -5.84 -6.22
C PRO B 14 -12.41 -4.95 -5.82
N GLY B 15 -12.80 -5.00 -4.54
CA GLY B 15 -13.93 -4.22 -4.06
C GLY B 15 -13.68 -2.72 -4.05
N HIS B 16 -12.50 -2.32 -3.59
CA HIS B 16 -12.15 -0.91 -3.55
C HIS B 16 -12.07 -0.38 -4.98
N MET B 17 -11.62 -1.21 -5.92
CA MET B 17 -11.56 -0.82 -7.33
C MET B 17 -12.96 -0.55 -7.88
N ALA B 18 -13.86 -1.50 -7.67
CA ALA B 18 -15.25 -1.30 -8.09
C ALA B 18 -15.85 -0.05 -7.45
N LYS B 19 -15.55 0.17 -6.17
CA LYS B 19 -16.06 1.35 -5.48
C LYS B 19 -15.54 2.65 -6.10
N ALA B 20 -14.24 2.71 -6.38
CA ALA B 20 -13.66 3.92 -6.94
C ALA B 20 -14.20 4.15 -8.35
N LYS B 21 -14.25 3.10 -9.16
CA LYS B 21 -14.82 3.23 -10.50
C LYS B 21 -16.22 3.83 -10.44
N ARG B 22 -17.05 3.27 -9.57
CA ARG B 22 -18.42 3.68 -9.42
C ARG B 22 -18.48 5.15 -8.97
N GLU B 23 -17.80 5.47 -7.88
CA GLU B 23 -17.86 6.83 -7.35
C GLU B 23 -17.36 7.89 -8.32
N VAL B 24 -16.27 7.59 -9.03
CA VAL B 24 -15.72 8.55 -9.97
C VAL B 24 -16.66 8.75 -11.15
N SER B 25 -17.19 7.67 -11.72
CA SER B 25 -18.20 7.79 -12.77
C SER B 25 -19.37 8.66 -12.33
N GLU B 26 -19.84 8.47 -11.10
CA GLU B 26 -20.92 9.30 -10.59
C GLU B 26 -20.53 10.77 -10.48
N GLN B 27 -19.33 11.07 -9.96
CA GLN B 27 -18.89 12.46 -9.89
C GLN B 27 -18.82 13.07 -11.31
N LEU B 28 -18.39 12.26 -12.29
CA LEU B 28 -18.24 12.75 -13.65
C LEU B 28 -19.56 13.21 -14.28
N LYS B 29 -20.67 12.66 -13.81
CA LYS B 29 -21.98 13.07 -14.31
C LYS B 29 -22.25 14.54 -13.99
N LYS B 30 -21.65 15.01 -12.90
CA LYS B 30 -21.86 16.37 -12.44
C LYS B 30 -20.99 17.44 -13.14
N VAL B 31 -20.10 17.05 -14.06
CA VAL B 31 -19.18 18.04 -14.62
C VAL B 31 -19.27 18.16 -16.13
N ASP B 32 -18.81 19.29 -16.66
CA ASP B 32 -18.75 19.54 -18.09
C ASP B 32 -17.43 19.05 -18.71
N VAL B 33 -16.38 19.07 -17.90
CA VAL B 33 -15.06 18.71 -18.40
C VAL B 33 -14.25 17.96 -17.34
N VAL B 34 -13.41 17.04 -17.77
CA VAL B 34 -12.60 16.29 -16.84
C VAL B 34 -11.13 16.63 -17.07
N PHE B 35 -10.43 16.91 -15.97
CA PHE B 35 -8.99 17.06 -16.03
C PHE B 35 -8.36 15.71 -15.66
N GLU B 36 -7.87 15.00 -16.66
CA GLU B 36 -7.09 13.79 -16.43
C GLU B 36 -5.67 14.22 -16.08
N LEU B 37 -5.28 13.98 -14.83
CA LEU B 37 -3.96 14.40 -14.40
C LEU B 37 -2.93 13.25 -14.48
N VAL B 38 -1.84 13.49 -15.21
CA VAL B 38 -0.80 12.49 -15.38
C VAL B 38 0.57 13.05 -14.95
N ASP B 39 1.55 12.16 -14.79
CA ASP B 39 2.88 12.58 -14.43
C ASP B 39 3.61 12.91 -15.74
N ALA B 40 4.15 14.12 -15.82
CA ALA B 40 4.84 14.53 -17.06
C ALA B 40 6.01 13.59 -17.33
N ARG B 41 6.53 12.96 -16.29
CA ARG B 41 7.65 12.05 -16.47
C ARG B 41 7.26 10.74 -17.15
N ILE B 42 5.97 10.41 -17.09
CA ILE B 42 5.43 9.21 -17.75
C ILE B 42 3.97 9.47 -18.10
N PRO B 43 3.73 10.29 -19.12
CA PRO B 43 2.38 10.79 -19.42
C PRO B 43 1.44 9.68 -19.83
N TYR B 44 2.01 8.58 -20.31
CA TYR B 44 1.21 7.45 -20.76
C TYR B 44 1.11 6.34 -19.71
N SER B 45 2.24 5.99 -19.11
CA SER B 45 2.30 4.91 -18.13
C SER B 45 1.64 5.29 -16.80
N SER B 46 1.45 6.59 -16.56
CA SER B 46 0.85 7.03 -15.32
C SER B 46 -0.68 7.25 -15.42
N ARG B 47 -1.27 6.72 -16.48
CA ARG B 47 -2.73 6.74 -16.71
C ARG B 47 -3.39 5.49 -16.15
N ASN B 48 -4.59 5.64 -15.59
CA ASN B 48 -5.40 4.48 -15.20
C ASN B 48 -5.76 3.66 -16.44
N PRO B 49 -5.63 2.32 -16.35
CA PRO B 49 -5.83 1.44 -17.53
C PRO B 49 -7.26 1.43 -18.07
N MET B 50 -8.20 1.96 -17.33
CA MET B 50 -9.56 2.01 -17.84
C MET B 50 -10.04 3.45 -18.01
N ILE B 51 -9.13 4.42 -18.10
CA ILE B 51 -9.56 5.81 -17.95
C ILE B 51 -10.56 6.19 -19.03
N ASP B 52 -10.39 5.69 -20.24
CA ASP B 52 -11.30 6.04 -21.34
C ASP B 52 -12.72 5.51 -21.11
N GLU B 53 -12.82 4.34 -20.49
CA GLU B 53 -14.12 3.76 -20.13
C GLU B 53 -14.81 4.54 -19.03
N VAL B 54 -14.05 4.97 -18.04
CA VAL B 54 -14.59 5.78 -16.97
C VAL B 54 -14.99 7.18 -17.46
N ILE B 55 -14.12 7.78 -18.26
CA ILE B 55 -14.35 9.14 -18.73
C ILE B 55 -15.42 9.20 -19.80
N ASN B 56 -15.48 8.16 -20.64
CA ASN B 56 -16.60 7.99 -21.57
C ASN B 56 -16.90 9.24 -22.40
N GLN B 57 -15.89 9.74 -23.10
CA GLN B 57 -16.08 10.82 -24.08
C GLN B 57 -16.39 12.20 -23.50
N LYS B 58 -16.41 12.33 -22.18
CA LYS B 58 -16.46 13.63 -21.55
C LYS B 58 -15.35 14.53 -22.10
N PRO B 59 -15.65 15.81 -22.33
CA PRO B 59 -14.56 16.72 -22.79
C PRO B 59 -13.36 16.64 -21.84
N ARG B 60 -12.15 16.63 -22.38
CA ARG B 60 -11.00 16.27 -21.57
C ARG B 60 -9.82 17.23 -21.71
N VAL B 61 -9.34 17.74 -20.57
CA VAL B 61 -8.04 18.38 -20.50
C VAL B 61 -7.06 17.36 -19.91
N VAL B 62 -5.97 17.06 -20.63
CA VAL B 62 -4.96 16.17 -20.08
C VAL B 62 -3.87 17.04 -19.50
N ILE B 63 -3.67 16.95 -18.20
CA ILE B 63 -2.71 17.81 -17.52
C ILE B 63 -1.46 17.03 -17.23
N LEU B 64 -0.38 17.38 -17.91
CA LEU B 64 0.92 16.82 -17.61
C LEU B 64 1.54 17.61 -16.47
N ASN B 65 1.36 17.09 -15.26
CA ASN B 65 1.91 17.72 -14.08
C ASN B 65 3.37 17.29 -13.81
N LYS B 66 4.02 17.99 -12.89
CA LYS B 66 5.44 17.81 -12.62
C LYS B 66 6.30 18.05 -13.86
N LYS B 67 5.93 19.05 -14.66
CA LYS B 67 6.72 19.37 -15.82
C LYS B 67 8.15 19.75 -15.46
N ASP B 68 8.32 20.33 -14.27
CA ASP B 68 9.64 20.72 -13.78
C ASP B 68 10.57 19.52 -13.66
N MET B 69 10.02 18.33 -13.60
CA MET B 69 10.80 17.12 -13.46
C MET B 69 10.97 16.24 -14.70
N SER B 70 10.50 16.72 -15.83
CA SER B 70 10.51 15.98 -17.08
C SER B 70 11.26 16.68 -18.23
N ASN B 71 11.23 16.05 -19.38
CA ASN B 71 11.85 16.52 -20.57
C ASN B 71 10.77 17.09 -21.48
N LEU B 72 10.88 18.37 -21.79
CA LEU B 72 9.88 19.03 -22.59
C LEU B 72 9.74 18.48 -23.98
N ASN B 73 10.85 18.16 -24.61
CA ASN B 73 10.78 17.65 -25.96
C ASN B 73 10.01 16.35 -26.05
N GLU B 74 10.27 15.42 -25.15
CA GLU B 74 9.52 14.17 -25.09
C GLU B 74 8.04 14.41 -24.72
N MET B 75 7.80 15.32 -23.81
CA MET B 75 6.46 15.64 -23.41
C MET B 75 5.67 16.13 -24.61
N SER B 76 6.33 16.83 -25.51
CA SER B 76 5.62 17.39 -26.65
C SER B 76 5.13 16.26 -27.57
N LYS B 77 5.89 15.16 -27.67
CA LYS B 77 5.41 14.03 -28.46
C LYS B 77 4.12 13.46 -27.86
N TRP B 78 4.09 13.33 -26.54
CA TRP B 78 2.88 12.87 -25.84
C TRP B 78 1.74 13.87 -25.95
N GLU B 79 2.06 15.15 -25.90
CA GLU B 79 1.00 16.16 -26.11
C GLU B 79 0.37 16.02 -27.50
N GLN B 80 1.19 15.74 -28.51
CA GLN B 80 0.70 15.51 -29.87
C GLN B 80 -0.25 14.30 -29.89
N PHE B 81 0.15 13.23 -29.22
CA PHE B 81 -0.66 12.04 -29.08
C PHE B 81 -2.04 12.38 -28.48
N PHE B 82 -2.02 13.08 -27.35
CA PHE B 82 -3.26 13.49 -26.69
C PHE B 82 -4.10 14.41 -27.61
N ILE B 83 -3.42 15.28 -28.36
CA ILE B 83 -4.11 16.13 -29.32
C ILE B 83 -4.79 15.26 -30.38
N ASP B 84 -4.07 14.27 -30.89
CA ASP B 84 -4.64 13.42 -31.93
C ASP B 84 -5.84 12.62 -31.46
N LYS B 85 -5.97 12.43 -30.15
CA LYS B 85 -7.10 11.69 -29.58
C LYS B 85 -8.30 12.58 -29.31
N GLY B 86 -8.15 13.88 -29.51
CA GLY B 86 -9.25 14.79 -29.28
C GLY B 86 -9.24 15.38 -27.88
N TYR B 87 -8.10 15.31 -27.20
CA TYR B 87 -7.97 15.89 -25.88
C TYR B 87 -7.21 17.22 -25.97
N TYR B 88 -7.25 17.97 -24.88
CA TYR B 88 -6.54 19.24 -24.77
C TYR B 88 -5.43 19.13 -23.72
N PRO B 89 -4.19 18.89 -24.15
CA PRO B 89 -3.11 18.73 -23.18
C PRO B 89 -2.47 20.07 -22.77
N VAL B 90 -2.16 20.21 -21.50
CA VAL B 90 -1.36 21.33 -21.00
C VAL B 90 -0.36 20.76 -20.01
N SER B 91 0.73 21.48 -19.75
CA SER B 91 1.70 20.98 -18.78
C SER B 91 1.81 22.01 -17.68
N VAL B 92 1.92 21.55 -16.45
CA VAL B 92 2.04 22.48 -15.34
C VAL B 92 3.00 21.94 -14.30
N ASP B 93 3.47 22.85 -13.45
CA ASP B 93 4.18 22.51 -12.21
C ASP B 93 3.30 22.95 -11.04
N ALA B 94 2.56 22.00 -10.50
CA ALA B 94 1.57 22.26 -9.48
C ALA B 94 2.20 22.69 -8.15
N LYS B 95 3.42 22.23 -7.93
CA LYS B 95 4.06 22.45 -6.65
C LYS B 95 4.56 23.88 -6.57
N HIS B 96 5.22 24.34 -7.62
CA HIS B 96 5.82 25.66 -7.66
C HIS B 96 4.95 26.65 -8.40
N GLY B 97 3.74 26.22 -8.75
CA GLY B 97 2.77 27.09 -9.38
C GLY B 97 3.15 27.68 -10.73
N LYS B 98 3.59 26.84 -11.66
CA LYS B 98 3.92 27.37 -13.00
C LYS B 98 2.90 26.92 -14.06
N ASN B 99 2.43 27.88 -14.85
CA ASN B 99 1.54 27.63 -15.98
C ASN B 99 0.11 27.26 -15.60
N LEU B 100 -0.28 27.53 -14.35
CA LEU B 100 -1.63 27.16 -13.86
C LEU B 100 -2.76 27.86 -14.62
N LYS B 101 -2.48 29.05 -15.15
CA LYS B 101 -3.46 29.74 -15.96
C LYS B 101 -3.95 28.91 -17.16
N LYS B 102 -3.07 28.05 -17.67
CA LYS B 102 -3.44 27.20 -18.80
C LYS B 102 -4.66 26.31 -18.53
N VAL B 103 -4.88 25.96 -17.26
CA VAL B 103 -5.95 25.04 -16.91
C VAL B 103 -7.32 25.60 -17.27
N GLU B 104 -7.68 26.75 -16.70
CA GLU B 104 -8.95 27.39 -17.04
C GLU B 104 -9.06 27.60 -18.55
N ALA B 105 -7.99 28.10 -19.16
CA ALA B 105 -7.99 28.36 -20.60
C ALA B 105 -8.32 27.08 -21.35
N ALA B 106 -7.66 25.98 -20.97
CA ALA B 106 -7.90 24.69 -21.59
C ALA B 106 -9.31 24.19 -21.35
N ALA B 107 -9.83 24.41 -20.13
CA ALA B 107 -11.19 24.01 -19.84
C ALA B 107 -12.16 24.69 -20.81
N ILE B 108 -11.95 25.99 -21.01
CA ILE B 108 -12.82 26.76 -21.91
C ILE B 108 -12.76 26.21 -23.33
N LYS B 109 -11.56 25.91 -23.82
CA LYS B 109 -11.48 25.36 -25.17
C LYS B 109 -12.11 23.97 -25.28
N ALA B 110 -11.95 23.12 -24.25
CA ALA B 110 -12.46 21.77 -24.31
C ALA B 110 -13.99 21.74 -24.37
N THR B 111 -14.63 22.74 -23.74
CA THR B 111 -16.09 22.80 -23.69
C THR B 111 -16.71 23.86 -24.60
N ALA B 112 -15.92 24.41 -25.53
CA ALA B 112 -16.42 25.52 -26.34
C ALA B 112 -17.61 25.11 -27.21
N GLU B 113 -17.52 23.95 -27.84
CA GLU B 113 -18.59 23.45 -28.69
C GLU B 113 -19.89 23.22 -27.90
N LYS B 114 -19.76 22.68 -26.70
CA LYS B 114 -20.92 22.43 -25.89
C LYS B 114 -21.64 23.73 -25.58
N PHE B 115 -20.89 24.74 -25.17
CA PHE B 115 -21.50 26.00 -24.75
C PHE B 115 -21.94 26.89 -25.91
N GLU B 116 -21.27 26.79 -27.05
CA GLU B 116 -21.77 27.40 -28.28
C GLU B 116 -23.16 26.86 -28.64
N ARG B 117 -23.34 25.55 -28.58
CA ARG B 117 -24.63 24.95 -28.88
C ARG B 117 -25.70 25.36 -27.87
N GLU B 118 -25.28 25.58 -26.63
CA GLU B 118 -26.22 26.06 -25.62
C GLU B 118 -26.64 27.51 -25.88
N LYS B 119 -25.67 28.36 -26.23
CA LYS B 119 -25.97 29.74 -26.56
C LYS B 119 -26.90 29.84 -27.79
N ALA B 120 -26.68 28.96 -28.76
CA ALA B 120 -27.54 28.88 -29.94
C ALA B 120 -28.96 28.45 -29.60
N LYS B 121 -29.11 27.66 -28.54
CA LYS B 121 -30.43 27.25 -28.06
C LYS B 121 -30.99 28.29 -27.09
N GLY B 122 -30.26 29.38 -26.92
CA GLY B 122 -30.73 30.49 -26.10
C GLY B 122 -30.53 30.39 -24.59
N LEU B 123 -29.68 29.47 -24.15
CA LEU B 123 -29.39 29.33 -22.73
C LEU B 123 -28.39 30.40 -22.28
N LYS B 124 -28.45 30.76 -21.01
CA LYS B 124 -27.53 31.75 -20.46
C LYS B 124 -26.17 31.13 -20.14
N PRO B 125 -25.11 31.94 -20.22
CA PRO B 125 -23.76 31.50 -19.88
C PRO B 125 -23.65 31.14 -18.42
N ARG B 126 -22.77 30.20 -18.08
CA ARG B 126 -22.56 29.78 -16.71
C ARG B 126 -21.12 29.30 -16.49
N ALA B 127 -20.68 29.24 -15.25
CA ALA B 127 -19.36 28.69 -14.94
C ALA B 127 -19.20 27.26 -15.49
N ILE B 128 -18.02 26.96 -16.04
CA ILE B 128 -17.69 25.59 -16.41
C ILE B 128 -17.44 24.76 -15.15
N ARG B 129 -18.03 23.58 -15.11
CA ARG B 129 -17.80 22.69 -13.98
C ARG B 129 -16.79 21.59 -14.32
N ALA B 130 -15.77 21.45 -13.48
CA ALA B 130 -14.72 20.48 -13.71
C ALA B 130 -14.44 19.64 -12.46
N MET B 131 -13.91 18.44 -12.67
CA MET B 131 -13.22 17.68 -11.63
C MET B 131 -11.89 17.14 -12.16
N ILE B 132 -10.97 16.85 -11.26
CA ILE B 132 -9.69 16.23 -11.56
C ILE B 132 -9.73 14.73 -11.26
N VAL B 133 -9.15 13.93 -12.16
CA VAL B 133 -9.13 12.47 -12.05
C VAL B 133 -7.71 11.97 -12.32
N GLY B 134 -7.25 10.97 -11.58
CA GLY B 134 -5.97 10.35 -11.88
C GLY B 134 -5.56 9.32 -10.86
N ILE B 135 -4.45 8.64 -11.13
CA ILE B 135 -3.90 7.66 -10.22
C ILE B 135 -3.27 8.41 -9.03
N PRO B 136 -2.93 7.69 -7.96
CA PRO B 136 -2.36 8.36 -6.79
C PRO B 136 -0.95 8.92 -7.03
N ASN B 137 -0.65 10.01 -6.33
CA ASN B 137 0.64 10.67 -6.30
C ASN B 137 1.07 11.46 -7.54
N VAL B 138 0.17 11.61 -8.51
CA VAL B 138 0.48 12.45 -9.68
C VAL B 138 0.37 13.96 -9.38
N GLY B 139 -0.21 14.32 -8.24
CA GLY B 139 -0.26 15.70 -7.80
C GLY B 139 -1.65 16.34 -7.77
N LYS B 140 -2.69 15.53 -7.59
CA LYS B 140 -4.07 16.01 -7.66
C LYS B 140 -4.41 16.99 -6.53
N SER B 141 -4.16 16.61 -5.28
CA SER B 141 -4.54 17.46 -4.17
C SER B 141 -3.62 18.67 -4.12
N THR B 142 -2.38 18.49 -4.54
CA THR B 142 -1.48 19.63 -4.73
C THR B 142 -2.04 20.63 -5.74
N LEU B 143 -2.56 20.13 -6.86
CA LEU B 143 -3.09 21.04 -7.88
C LEU B 143 -4.35 21.73 -7.40
N ILE B 144 -5.22 20.98 -6.72
CA ILE B 144 -6.46 21.55 -6.16
C ILE B 144 -6.17 22.67 -5.17
N ASN B 145 -5.24 22.45 -4.24
CA ASN B 145 -4.87 23.49 -3.27
C ASN B 145 -4.26 24.69 -3.95
N LYS B 146 -3.42 24.46 -4.95
CA LYS B 146 -2.83 25.59 -5.67
C LYS B 146 -3.89 26.39 -6.42
N LEU B 147 -4.81 25.69 -7.08
CA LEU B 147 -5.88 26.38 -7.81
C LEU B 147 -6.89 27.11 -6.90
N ALA B 148 -7.09 26.61 -5.69
CA ALA B 148 -7.96 27.29 -4.73
C ALA B 148 -7.25 28.44 -4.02
N LYS B 149 -5.92 28.43 -4.06
CA LYS B 149 -5.12 29.35 -3.26
C LYS B 149 -5.35 29.15 -1.76
N ARG B 150 -5.53 27.90 -1.35
CA ARG B 150 -5.71 27.55 0.05
C ARG B 150 -5.67 26.04 0.20
N SER B 151 -5.34 25.57 1.40
CA SER B 151 -5.27 24.14 1.65
C SER B 151 -6.65 23.52 1.80
N ILE B 152 -6.97 22.54 0.95
CA ILE B 152 -8.26 21.87 1.03
C ILE B 152 -8.14 20.54 1.78
N GLY B 156 -14.56 16.73 7.04
CA GLY B 156 -14.86 17.28 8.36
C GLY B 156 -13.62 17.39 9.21
N ASN B 157 -13.49 18.51 9.90
CA ASN B 157 -12.29 18.73 10.71
C ASN B 157 -12.46 18.04 12.05
N LYS B 158 -13.69 17.95 12.53
CA LYS B 158 -13.98 17.15 13.72
C LYS B 158 -13.97 15.65 13.39
N PRO B 159 -13.31 14.85 14.24
CA PRO B 159 -13.38 13.39 14.09
C PRO B 159 -14.82 12.90 13.98
N GLY B 160 -15.10 12.00 13.04
CA GLY B 160 -16.44 11.48 12.89
C GLY B 160 -17.33 12.33 12.02
N VAL B 161 -16.87 13.54 11.68
CA VAL B 161 -17.66 14.43 10.83
C VAL B 161 -17.22 14.25 9.39
N THR B 162 -18.16 13.84 8.53
CA THR B 162 -17.85 13.54 7.13
C THR B 162 -17.85 14.78 6.24
N LYS B 163 -16.69 15.03 5.60
CA LYS B 163 -16.55 16.11 4.61
C LYS B 163 -17.49 16.02 3.38
N GLN B 164 -18.19 17.11 3.09
CA GLN B 164 -18.98 17.19 1.86
C GLN B 164 -18.17 17.80 0.71
N GLN B 165 -18.33 17.26 -0.50
CA GLN B 165 -17.65 17.79 -1.67
C GLN B 165 -18.14 19.18 -2.00
N GLN B 166 -17.22 20.11 -2.27
CA GLN B 166 -17.61 21.48 -2.54
C GLN B 166 -16.97 22.00 -3.82
N TRP B 167 -17.57 23.04 -4.39
CA TRP B 167 -17.05 23.66 -5.60
C TRP B 167 -16.10 24.81 -5.29
N ILE B 168 -14.96 24.81 -5.96
CA ILE B 168 -14.00 25.90 -5.80
C ILE B 168 -14.04 26.81 -7.00
N LYS B 169 -14.19 28.10 -6.75
CA LYS B 169 -14.12 29.11 -7.81
C LYS B 169 -12.67 29.28 -8.22
N VAL B 170 -12.41 29.02 -9.50
CA VAL B 170 -11.08 29.19 -10.06
C VAL B 170 -11.15 30.11 -11.26
N GLY B 171 -10.40 31.21 -11.21
CA GLY B 171 -10.46 32.20 -12.26
C GLY B 171 -11.88 32.73 -12.35
N ASN B 172 -12.29 33.16 -13.54
CA ASN B 172 -13.65 33.64 -13.75
C ASN B 172 -14.67 32.64 -14.31
N ALA B 173 -14.22 31.67 -15.11
CA ALA B 173 -15.16 30.83 -15.83
C ALA B 173 -15.27 29.41 -15.30
N LEU B 174 -14.56 29.11 -14.22
CA LEU B 174 -14.41 27.71 -13.81
C LEU B 174 -14.79 27.38 -12.37
N GLN B 175 -15.60 26.34 -12.21
CA GLN B 175 -15.94 25.78 -10.90
C GLN B 175 -15.34 24.39 -10.79
N LEU B 176 -14.46 24.20 -9.82
CA LEU B 176 -13.75 22.93 -9.69
C LEU B 176 -14.14 22.13 -8.44
N LEU B 177 -14.57 20.90 -8.66
CA LEU B 177 -14.83 19.98 -7.56
C LEU B 177 -13.58 19.87 -6.68
N ASP B 178 -13.74 20.02 -5.37
CA ASP B 178 -12.57 20.12 -4.49
C ASP B 178 -12.05 18.76 -4.09
N THR B 179 -12.66 17.72 -4.65
CA THR B 179 -12.31 16.34 -4.35
C THR B 179 -11.99 15.60 -5.64
N PRO B 180 -10.79 15.02 -5.73
CA PRO B 180 -10.38 14.32 -6.95
C PRO B 180 -11.00 12.94 -7.06
N GLY B 181 -11.08 12.40 -8.26
CA GLY B 181 -11.42 11.02 -8.47
C GLY B 181 -10.11 10.26 -8.45
N ILE B 182 -9.97 9.29 -7.55
CA ILE B 182 -8.70 8.56 -7.44
C ILE B 182 -8.84 7.19 -8.06
N LEU B 183 -8.06 6.89 -9.09
CA LEU B 183 -8.15 5.59 -9.76
C LEU B 183 -6.83 4.82 -9.70
N TRP B 184 -6.85 3.55 -10.04
CA TRP B 184 -5.66 2.72 -9.84
C TRP B 184 -4.71 2.79 -11.02
N PRO B 185 -3.41 2.55 -10.74
CA PRO B 185 -2.42 2.53 -11.83
C PRO B 185 -2.49 1.26 -12.61
N LYS B 186 -1.71 1.23 -13.68
CA LYS B 186 -1.57 0.05 -14.49
C LYS B 186 -0.83 -0.99 -13.64
N PHE B 187 -1.34 -2.22 -13.65
CA PHE B 187 -0.84 -3.29 -12.78
C PHE B 187 -0.21 -4.41 -13.57
N GLU B 188 -0.65 -4.58 -14.81
CA GLU B 188 -0.46 -5.83 -15.53
C GLU B 188 0.88 -5.95 -16.26
N ASP B 189 1.65 -4.88 -16.35
CA ASP B 189 2.88 -4.95 -17.13
C ASP B 189 4.12 -4.59 -16.30
N GLU B 190 5.12 -5.45 -16.37
CA GLU B 190 6.29 -5.33 -15.52
C GLU B 190 7.12 -4.07 -15.85
N GLU B 191 7.33 -3.78 -17.13
CA GLU B 191 8.03 -2.54 -17.46
C GLU B 191 7.30 -1.32 -16.93
N VAL B 192 5.99 -1.26 -17.10
CA VAL B 192 5.23 -0.14 -16.53
C VAL B 192 5.35 -0.08 -15.00
N GLY B 193 5.37 -1.25 -14.37
CA GLY B 193 5.60 -1.32 -12.95
C GLY B 193 6.91 -0.63 -12.59
N LYS B 194 7.95 -0.84 -13.40
CA LYS B 194 9.24 -0.24 -13.11
C LYS B 194 9.22 1.28 -13.29
N LYS B 195 8.56 1.73 -14.35
CA LYS B 195 8.39 3.16 -14.58
C LYS B 195 7.68 3.83 -13.41
N LEU B 196 6.60 3.20 -12.93
CA LEU B 196 5.83 3.75 -11.82
C LEU B 196 6.65 3.83 -10.54
N SER B 197 7.48 2.82 -10.32
CA SER B 197 8.36 2.80 -9.15
C SER B 197 9.44 3.88 -9.24
N LEU B 198 10.09 4.00 -10.41
CA LEU B 198 11.11 5.03 -10.60
C LEU B 198 10.59 6.44 -10.38
N THR B 199 9.30 6.64 -10.60
CA THR B 199 8.71 7.98 -10.44
C THR B 199 8.01 8.18 -9.11
N GLY B 200 7.98 7.13 -8.30
CA GLY B 200 7.39 7.14 -6.97
C GLY B 200 5.89 6.98 -6.88
N ALA B 201 5.24 6.62 -7.98
CA ALA B 201 3.79 6.47 -8.02
C ALA B 201 3.34 5.27 -7.19
N ILE B 202 4.16 4.22 -7.23
CA ILE B 202 3.95 3.05 -6.41
C ILE B 202 5.19 2.83 -5.56
N LYS B 203 5.07 3.01 -4.26
CA LYS B 203 6.14 2.63 -3.36
C LYS B 203 5.66 1.38 -2.64
N ASP B 204 5.44 0.33 -3.43
CA ASP B 204 4.78 -0.86 -2.93
C ASP B 204 5.63 -2.09 -3.27
N SER B 205 5.77 -2.97 -2.28
CA SER B 205 6.84 -3.98 -2.23
C SER B 205 6.72 -5.17 -3.19
N ILE B 206 5.70 -5.18 -4.02
CA ILE B 206 5.54 -6.29 -4.95
C ILE B 206 6.39 -6.14 -6.22
N VAL B 207 7.03 -4.98 -6.39
CA VAL B 207 7.98 -4.75 -7.49
C VAL B 207 9.44 -4.66 -7.02
N HIS B 208 10.28 -5.61 -7.43
CA HIS B 208 11.63 -5.77 -6.88
C HIS B 208 12.52 -4.54 -7.09
N LEU B 209 12.99 -3.95 -6.00
CA LEU B 209 13.76 -2.72 -6.05
C LEU B 209 15.08 -2.79 -6.82
N ASP B 210 15.76 -3.93 -6.73
CA ASP B 210 17.03 -4.07 -7.44
C ASP B 210 16.77 -3.98 -8.95
N GLU B 211 15.69 -4.60 -9.42
CA GLU B 211 15.34 -4.54 -10.84
C GLU B 211 14.88 -3.13 -11.26
N VAL B 212 14.27 -2.39 -10.34
CA VAL B 212 13.86 -1.02 -10.64
C VAL B 212 15.12 -0.20 -10.89
N ALA B 213 16.10 -0.42 -10.01
CA ALA B 213 17.38 0.29 -10.09
C ALA B 213 18.17 -0.06 -11.35
N ILE B 214 18.16 -1.33 -11.74
CA ILE B 214 18.85 -1.72 -12.97
C ILE B 214 18.18 -1.03 -14.16
N TYR B 215 16.85 -0.98 -14.14
CA TYR B 215 16.08 -0.35 -15.21
C TYR B 215 16.40 1.14 -15.28
N GLY B 216 16.48 1.78 -14.12
CA GLY B 216 16.79 3.20 -14.04
C GLY B 216 18.18 3.49 -14.55
N LEU B 217 19.17 2.79 -14.03
CA LEU B 217 20.51 2.94 -14.53
C LEU B 217 20.60 2.75 -16.04
N ASN B 218 20.03 1.66 -16.55
CA ASN B 218 20.12 1.40 -17.97
C ASN B 218 19.48 2.52 -18.76
N PHE B 219 18.38 3.04 -18.25
CA PHE B 219 17.74 4.19 -18.89
C PHE B 219 18.70 5.36 -18.98
N LEU B 220 19.36 5.66 -17.87
CA LEU B 220 20.29 6.79 -17.81
C LEU B 220 21.53 6.54 -18.68
N ILE B 221 22.04 5.30 -18.64
CA ILE B 221 23.15 4.91 -19.50
C ILE B 221 22.80 5.14 -20.98
N GLN B 222 21.60 4.75 -21.38
CA GLN B 222 21.17 4.92 -22.77
C GLN B 222 20.85 6.35 -23.16
N ASN B 223 20.33 7.15 -22.23
CA ASN B 223 19.81 8.47 -22.59
C ASN B 223 20.59 9.70 -22.08
N ASP B 224 21.43 9.54 -21.08
CA ASP B 224 22.12 10.69 -20.51
C ASP B 224 23.42 10.27 -19.81
N LEU B 225 24.23 9.47 -20.52
CA LEU B 225 25.43 8.82 -19.94
C LEU B 225 26.39 9.76 -19.25
N ALA B 226 26.69 10.88 -19.91
CA ALA B 226 27.62 11.86 -19.36
C ALA B 226 27.11 12.45 -18.05
N ARG B 227 25.81 12.69 -17.99
CA ARG B 227 25.21 13.25 -16.79
C ARG B 227 25.28 12.29 -15.61
N LEU B 228 24.93 11.03 -15.89
CA LEU B 228 25.04 9.96 -14.90
C LEU B 228 26.42 9.89 -14.28
N LYS B 229 27.44 9.89 -15.13
CA LYS B 229 28.82 9.85 -14.67
C LYS B 229 29.24 11.09 -13.89
N SER B 230 29.06 12.26 -14.49
CA SER B 230 29.43 13.49 -13.79
C SER B 230 28.63 13.63 -12.50
N HIS B 231 27.40 13.14 -12.46
CA HIS B 231 26.62 13.28 -11.23
C HIS B 231 27.26 12.57 -10.08
N TYR B 232 27.62 11.31 -10.29
CA TYR B 232 28.21 10.50 -9.24
C TYR B 232 29.74 10.57 -9.26
N ASN B 233 30.27 11.24 -10.27
CA ASN B 233 31.71 11.35 -10.44
C ASN B 233 32.38 9.97 -10.53
N ILE B 234 31.89 9.17 -11.46
CA ILE B 234 32.42 7.85 -11.65
C ILE B 234 32.71 7.72 -13.14
N GLU B 235 33.58 6.79 -13.49
CA GLU B 235 33.83 6.49 -14.89
C GLU B 235 33.80 4.97 -14.96
N VAL B 236 33.10 4.43 -15.96
CA VAL B 236 32.83 3.00 -15.94
C VAL B 236 33.07 2.43 -17.33
N PRO B 237 33.76 1.27 -17.41
CA PRO B 237 34.03 0.66 -18.73
C PRO B 237 32.73 0.40 -19.49
N GLU B 238 32.68 0.69 -20.78
CA GLU B 238 31.43 0.56 -21.50
C GLU B 238 31.04 -0.90 -21.72
N ASP B 239 32.00 -1.81 -21.64
CA ASP B 239 31.64 -3.23 -21.76
C ASP B 239 31.41 -3.92 -20.43
N ALA B 240 31.46 -3.17 -19.34
CA ALA B 240 31.15 -3.76 -18.03
C ALA B 240 29.65 -4.06 -17.93
N GLU B 241 29.28 -5.00 -17.08
CA GLU B 241 27.86 -5.28 -16.86
C GLU B 241 27.30 -4.35 -15.80
N ILE B 242 25.98 -4.36 -15.62
CA ILE B 242 25.33 -3.33 -14.79
C ILE B 242 25.82 -3.34 -13.35
N ILE B 243 26.16 -4.53 -12.87
CA ILE B 243 26.65 -4.67 -11.51
C ILE B 243 27.81 -3.73 -11.26
N ALA B 244 28.64 -3.54 -12.28
CA ALA B 244 29.80 -2.67 -12.20
C ALA B 244 29.42 -1.22 -11.89
N TRP B 245 28.23 -0.81 -12.30
CA TRP B 245 27.78 0.56 -12.02
C TRP B 245 27.41 0.71 -10.55
N PHE B 246 26.67 -0.25 -10.03
CA PHE B 246 26.39 -0.29 -8.60
C PHE B 246 27.68 -0.21 -7.79
N ASP B 247 28.68 -0.99 -8.21
CA ASP B 247 29.96 -1.05 -7.51
C ASP B 247 30.70 0.27 -7.60
N ALA B 248 30.71 0.91 -8.76
CA ALA B 248 31.41 2.18 -8.87
C ALA B 248 30.74 3.24 -7.97
N ILE B 249 29.41 3.31 -8.02
CA ILE B 249 28.67 4.22 -7.15
C ILE B 249 28.89 3.85 -5.67
N GLY B 250 28.64 2.60 -5.32
CA GLY B 250 28.92 2.09 -3.97
C GLY B 250 30.30 2.41 -3.45
N LYS B 251 31.32 2.21 -4.28
CA LYS B 251 32.70 2.53 -3.92
C LYS B 251 32.93 4.03 -3.74
N LYS B 252 32.44 4.85 -4.68
CA LYS B 252 32.64 6.29 -4.61
C LYS B 252 31.90 6.97 -3.44
N ARG B 253 30.75 6.40 -3.06
CA ARG B 253 29.95 6.92 -1.95
C ARG B 253 30.26 6.23 -0.61
N GLY B 254 31.14 5.25 -0.63
CA GLY B 254 31.49 4.54 0.58
C GLY B 254 30.41 3.65 1.17
N LEU B 255 29.42 3.29 0.34
CA LEU B 255 28.38 2.41 0.84
C LEU B 255 28.88 0.98 0.87
N ILE B 256 29.63 0.67 1.93
CA ILE B 256 30.25 -0.65 2.06
C ILE B 256 29.94 -1.30 3.40
N ARG B 257 30.15 -2.60 3.47
CA ARG B 257 29.86 -3.41 4.64
C ARG B 257 30.76 -4.63 4.61
N ARG B 258 31.01 -5.24 5.77
CA ARG B 258 31.92 -6.39 5.87
C ARG B 258 33.23 -6.17 5.11
N GLY B 259 33.97 -5.15 5.52
CA GLY B 259 35.26 -4.85 4.93
C GLY B 259 35.18 -3.88 3.76
N ASN B 260 35.08 -4.41 2.54
CA ASN B 260 34.94 -3.56 1.35
C ASN B 260 33.99 -4.21 0.34
N GLU B 261 33.02 -4.95 0.84
CA GLU B 261 31.95 -5.47 0.02
C GLU B 261 30.97 -4.32 -0.22
N ILE B 262 30.18 -4.41 -1.29
CA ILE B 262 29.24 -3.33 -1.60
C ILE B 262 27.91 -3.52 -0.89
N ASP B 263 27.45 -2.45 -0.25
CA ASP B 263 26.12 -2.42 0.36
C ASP B 263 25.09 -2.16 -0.74
N TYR B 264 24.64 -3.22 -1.40
CA TYR B 264 23.79 -3.06 -2.57
C TYR B 264 22.44 -2.46 -2.19
N GLU B 265 21.89 -2.95 -1.08
CA GLU B 265 20.67 -2.39 -0.52
C GLU B 265 20.78 -0.86 -0.45
N ALA B 266 21.92 -0.36 0.03
CA ALA B 266 22.10 1.07 0.18
C ALA B 266 22.30 1.77 -1.16
N VAL B 267 23.04 1.12 -2.06
CA VAL B 267 23.26 1.71 -3.37
C VAL B 267 21.95 1.79 -4.15
N ILE B 268 21.18 0.71 -4.12
CA ILE B 268 19.87 0.67 -4.72
C ILE B 268 18.99 1.81 -4.18
N GLU B 269 18.97 1.99 -2.87
CA GLU B 269 18.11 3.03 -2.30
C GLU B 269 18.57 4.41 -2.73
N LEU B 270 19.87 4.60 -2.84
CA LEU B 270 20.43 5.86 -3.31
C LEU B 270 20.08 6.16 -4.78
N ILE B 271 20.06 5.13 -5.62
CA ILE B 271 19.75 5.33 -7.04
C ILE B 271 18.28 5.64 -7.21
N ILE B 272 17.44 4.85 -6.57
CA ILE B 272 16.01 5.03 -6.65
C ILE B 272 15.64 6.45 -6.18
N TYR B 273 16.21 6.84 -5.05
CA TYR B 273 15.96 8.19 -4.52
C TYR B 273 16.42 9.27 -5.49
N ASP B 274 17.63 9.15 -6.05
CA ASP B 274 18.11 10.21 -6.94
C ASP B 274 17.29 10.29 -8.24
N ILE B 275 16.76 9.16 -8.70
CA ILE B 275 15.93 9.20 -9.90
C ILE B 275 14.49 9.68 -9.55
N ARG B 276 13.90 9.14 -8.48
CA ARG B 276 12.58 9.61 -8.02
C ARG B 276 12.52 11.11 -7.84
N ASN B 277 13.62 11.68 -7.36
CA ASN B 277 13.63 13.07 -6.96
C ASN B 277 14.36 13.98 -7.92
N ALA B 278 14.60 13.46 -9.12
CA ALA B 278 15.14 14.26 -10.21
C ALA B 278 16.47 14.88 -9.82
N LYS B 279 17.22 14.18 -8.97
CA LYS B 279 18.55 14.63 -8.56
C LYS B 279 19.59 14.53 -9.67
N ILE B 280 19.38 13.61 -10.61
CA ILE B 280 20.34 13.42 -11.69
C ILE B 280 19.92 14.28 -12.87
N GLY B 281 18.63 14.27 -13.20
CA GLY B 281 18.14 15.12 -14.26
C GLY B 281 16.63 15.09 -14.39
N ASN B 282 16.11 15.75 -15.42
CA ASN B 282 14.68 15.83 -15.68
C ASN B 282 14.29 14.95 -16.84
N TYR B 283 13.72 13.77 -16.57
CA TYR B 283 13.53 12.82 -17.67
C TYR B 283 12.08 12.49 -17.86
N CYS B 284 11.74 12.15 -19.10
CA CYS B 284 10.49 11.51 -19.41
C CYS B 284 10.79 10.06 -19.74
N PHE B 285 10.30 9.11 -18.93
CA PHE B 285 10.66 7.70 -19.10
C PHE B 285 9.80 6.96 -20.10
N ASP B 286 8.72 7.59 -20.53
CA ASP B 286 7.88 7.05 -21.60
C ASP B 286 8.48 7.55 -22.89
N ILE B 287 9.28 6.70 -23.54
CA ILE B 287 9.92 7.08 -24.80
C ILE B 287 8.95 6.81 -25.94
N PHE B 288 8.39 7.88 -26.51
CA PHE B 288 7.28 7.72 -27.45
C PHE B 288 7.63 6.73 -28.58
N LYS B 289 8.78 6.92 -29.24
CA LYS B 289 9.13 6.08 -30.38
C LYS B 289 9.43 4.63 -30.02
N ASP B 290 9.77 4.33 -28.76
CA ASP B 290 9.95 2.94 -28.31
C ASP B 290 8.64 2.28 -27.89
N MET B 291 7.56 3.05 -27.84
CA MET B 291 6.31 2.52 -27.31
C MET B 291 5.25 2.34 -28.41
N THR B 292 5.71 2.30 -29.67
CA THR B 292 4.81 2.21 -30.80
C THR B 292 3.85 1.01 -30.72
N GLU B 293 4.39 -0.16 -30.41
CA GLU B 293 3.57 -1.38 -30.36
C GLU B 293 2.51 -1.30 -29.27
N GLU B 294 2.93 -0.88 -28.07
CA GLU B 294 2.02 -0.73 -26.94
C GLU B 294 0.84 0.19 -27.24
N LEU B 295 1.12 1.29 -27.93
CA LEU B 295 0.08 2.25 -28.26
C LEU B 295 -0.96 1.61 -29.19
N ALA B 296 -0.48 0.89 -30.21
CA ALA B 296 -1.35 0.22 -31.17
C ALA B 296 -2.20 -0.84 -30.45
N ASN B 297 -1.58 -1.55 -29.51
CA ASN B 297 -2.27 -2.54 -28.73
C ASN B 297 -3.44 -1.95 -27.93
N ASP B 298 -3.18 -0.84 -27.25
CA ASP B 298 -4.20 -0.17 -26.45
C ASP B 298 -5.26 0.56 -27.27
N ALA B 299 -4.88 0.98 -28.48
CA ALA B 299 -5.67 1.92 -29.27
C ALA B 299 -7.07 1.47 -29.66
N ASN B 300 -7.18 0.23 -30.14
CA ASN B 300 -8.45 -0.25 -30.67
C ASN B 300 -9.50 -0.42 -29.58
#